data_3G5L
#
_entry.id   3G5L
#
_cell.length_a   56.812
_cell.length_b   92.532
_cell.length_c   99.973
_cell.angle_alpha   90.00
_cell.angle_beta   90.00
_cell.angle_gamma   90.00
#
_symmetry.space_group_name_H-M   'P 21 21 21'
#
loop_
_entity.id
_entity.type
_entity.pdbx_description
1 polymer 'Putative S-adenosylmethionine dependent methyltransferase'
2 non-polymer 'CHLORIDE ION'
3 water water
#
_entity_poly.entity_id   1
_entity_poly.type   'polypeptide(L)'
_entity_poly.pdbx_seq_one_letter_code
;MSLKENKYDDKHFFEQYSQMPRSKEGLKAAGEWHELKKMLPDFNQKTVLDLGCGFGWHCIYAAEHGAKKVLGIDLSERML
TEAKRKTTSPVVCYEQKAIEDIAIEPDAYNVVLSSLALHYIASFDDICKKVYINLKSSGSFIFSVEHPVFTADGRQDWYT
DETGNKLHWPVDRYFNESMRTSHFLGEDVQKYHRTVTTYIQTLLKNGFQINSVIEPEPAPELKDLPEMQDEYRRPMMLLI
SATKQEGHHHHHH
;
_entity_poly.pdbx_strand_id   A,B
#
loop_
_chem_comp.id
_chem_comp.type
_chem_comp.name
_chem_comp.formula
CL non-polymer 'CHLORIDE ION' 'Cl -1'
#
# COMPACT_ATOMS: atom_id res chain seq x y z
N GLU A 25 5.57 23.82 0.59
CA GLU A 25 4.22 23.41 0.09
C GLU A 25 4.23 23.23 -1.43
N GLY A 26 4.85 24.18 -2.13
CA GLY A 26 5.02 24.09 -3.58
C GLY A 26 6.18 23.17 -3.95
N LEU A 27 7.09 22.96 -3.00
CA LEU A 27 8.24 22.07 -3.15
C LEU A 27 7.82 20.60 -3.26
N LYS A 28 6.92 20.19 -2.38
CA LYS A 28 6.45 18.80 -2.34
CA LYS A 28 6.43 18.81 -2.33
C LYS A 28 5.27 18.57 -3.30
N ALA A 29 4.71 19.65 -3.84
CA ALA A 29 3.71 19.56 -4.91
C ALA A 29 4.41 19.22 -6.23
N ALA A 30 5.69 19.58 -6.33
CA ALA A 30 6.54 19.19 -7.45
C ALA A 30 7.00 17.74 -7.31
N GLY A 31 7.12 17.28 -6.06
CA GLY A 31 7.50 15.89 -5.77
C GLY A 31 6.38 14.91 -6.07
N GLU A 32 5.15 15.41 -6.00
CA GLU A 32 3.95 14.65 -6.33
C GLU A 32 3.85 14.47 -7.84
N TRP A 33 4.01 15.56 -8.58
CA TRP A 33 3.90 15.59 -10.03
C TRP A 33 4.93 14.71 -10.75
N HIS A 34 6.16 14.67 -10.22
CA HIS A 34 7.25 13.87 -10.78
C HIS A 34 6.94 12.38 -10.82
N GLU A 35 6.34 11.88 -9.74
CA GLU A 35 5.88 10.49 -9.70
C GLU A 35 4.58 10.28 -10.47
N LEU A 36 3.68 11.27 -10.41
CA LEU A 36 2.38 11.18 -11.10
C LEU A 36 2.51 11.14 -12.61
N LYS A 37 3.45 11.93 -13.16
CA LYS A 37 3.75 11.96 -14.61
C LYS A 37 4.08 10.58 -15.17
N LYS A 38 4.82 9.80 -14.39
CA LYS A 38 5.25 8.46 -14.80
C LYS A 38 4.13 7.43 -14.72
N MET A 39 3.04 7.77 -14.05
CA MET A 39 1.84 6.93 -13.98
C MET A 39 0.87 7.18 -15.14
N LEU A 40 0.99 8.35 -15.76
CA LEU A 40 -0.02 8.82 -16.73
C LEU A 40 -0.02 8.03 -18.03
N PRO A 41 -1.22 7.72 -18.56
CA PRO A 41 -1.27 7.06 -19.86
C PRO A 41 -1.12 8.07 -20.99
N ASP A 42 -1.03 7.58 -22.23
CA ASP A 42 -1.06 8.45 -23.40
C ASP A 42 -2.44 9.12 -23.46
N PHE A 43 -2.45 10.41 -23.76
CA PHE A 43 -3.66 11.21 -23.73
C PHE A 43 -4.33 11.43 -25.08
N ASN A 44 -3.69 10.98 -26.16
CA ASN A 44 -4.21 11.21 -27.51
CA ASN A 44 -4.19 11.18 -27.53
C ASN A 44 -5.60 10.63 -27.72
N GLN A 45 -6.54 11.53 -28.04
CA GLN A 45 -7.98 11.23 -28.25
C GLN A 45 -8.71 10.62 -27.04
N LYS A 46 -8.20 10.94 -25.85
CA LYS A 46 -8.77 10.46 -24.60
CA LYS A 46 -8.74 10.47 -24.57
C LYS A 46 -9.71 11.49 -23.99
N THR A 47 -10.71 11.02 -23.24
CA THR A 47 -11.63 11.90 -22.51
C THR A 47 -11.24 11.82 -21.03
N VAL A 48 -10.93 12.98 -20.45
CA VAL A 48 -10.25 13.09 -19.17
C VAL A 48 -11.12 13.82 -18.16
N LEU A 49 -11.13 13.35 -16.91
CA LEU A 49 -11.79 14.05 -15.82
C LEU A 49 -10.79 14.34 -14.72
N ASP A 50 -10.71 15.60 -14.30
CA ASP A 50 -9.76 16.00 -13.28
C ASP A 50 -10.52 16.48 -12.05
N LEU A 51 -10.47 15.69 -10.98
CA LEU A 51 -11.18 16.00 -9.73
C LEU A 51 -10.31 16.80 -8.77
N GLY A 52 -10.65 18.09 -8.62
CA GLY A 52 -9.85 19.02 -7.82
C GLY A 52 -8.72 19.57 -8.65
N CYS A 53 -9.08 20.22 -9.76
CA CYS A 53 -8.12 20.62 -10.79
C CYS A 53 -7.26 21.83 -10.45
N GLY A 54 -7.71 22.65 -9.50
CA GLY A 54 -7.00 23.87 -9.11
C GLY A 54 -6.81 24.86 -10.26
N PHE A 55 -5.54 25.21 -10.51
CA PHE A 55 -5.16 26.12 -11.60
C PHE A 55 -5.08 25.40 -12.96
N GLY A 56 -5.54 24.16 -13.01
CA GLY A 56 -5.70 23.41 -14.25
C GLY A 56 -4.45 22.84 -14.92
N TRP A 57 -3.37 22.67 -14.17
CA TRP A 57 -2.12 22.10 -14.73
C TRP A 57 -2.29 20.74 -15.42
N HIS A 58 -3.05 19.83 -14.81
CA HIS A 58 -3.27 18.49 -15.39
C HIS A 58 -4.17 18.54 -16.62
N CYS A 59 -5.11 19.49 -16.64
CA CYS A 59 -6.02 19.69 -17.76
C CYS A 59 -5.28 20.23 -18.99
N ILE A 60 -4.38 21.19 -18.76
CA ILE A 60 -3.51 21.77 -19.80
C ILE A 60 -2.60 20.68 -20.37
N TYR A 61 -1.94 19.95 -19.49
CA TYR A 61 -1.04 18.85 -19.84
C TYR A 61 -1.74 17.81 -20.73
N ALA A 62 -2.94 17.41 -20.32
CA ALA A 62 -3.75 16.45 -21.07
C ALA A 62 -4.10 16.98 -22.45
N ALA A 63 -4.52 18.24 -22.51
CA ALA A 63 -4.88 18.89 -23.78
C ALA A 63 -3.72 18.92 -24.78
N GLU A 64 -2.56 19.39 -24.32
CA GLU A 64 -1.39 19.52 -25.19
C GLU A 64 -0.70 18.18 -25.46
N HIS A 65 -1.17 17.12 -24.79
CA HIS A 65 -0.76 15.77 -25.15
C HIS A 65 -1.86 15.01 -25.90
N GLY A 66 -2.83 15.76 -26.40
CA GLY A 66 -3.76 15.26 -27.41
C GLY A 66 -5.16 14.85 -27.00
N ALA A 67 -5.56 15.14 -25.76
CA ALA A 67 -6.90 14.75 -25.27
C ALA A 67 -8.01 15.40 -26.09
N LYS A 68 -9.06 14.62 -26.40
CA LYS A 68 -10.17 15.14 -27.17
C LYS A 68 -11.15 15.98 -26.33
N LYS A 69 -11.19 15.72 -25.03
CA LYS A 69 -12.10 16.39 -24.09
C LYS A 69 -11.56 16.30 -22.67
N VAL A 70 -11.43 17.45 -22.00
CA VAL A 70 -11.03 17.47 -20.58
C VAL A 70 -12.07 18.23 -19.78
N LEU A 71 -12.53 17.63 -18.68
CA LEU A 71 -13.34 18.34 -17.68
C LEU A 71 -12.58 18.53 -16.38
N GLY A 72 -12.33 19.79 -16.01
CA GLY A 72 -11.73 20.13 -14.73
C GLY A 72 -12.79 20.58 -13.72
N ILE A 73 -12.79 19.96 -12.55
CA ILE A 73 -13.76 20.21 -11.49
C ILE A 73 -12.99 20.76 -10.30
N ASP A 74 -13.42 21.89 -9.75
CA ASP A 74 -12.87 22.41 -8.50
C ASP A 74 -13.91 23.22 -7.73
N LEU A 75 -13.72 23.32 -6.41
CA LEU A 75 -14.61 24.10 -5.55
C LEU A 75 -14.33 25.61 -5.57
N SER A 76 -13.06 25.99 -5.71
CA SER A 76 -12.64 27.40 -5.66
C SER A 76 -12.88 28.13 -6.98
N GLU A 77 -13.70 29.18 -6.90
CA GLU A 77 -13.97 30.06 -8.03
C GLU A 77 -12.70 30.83 -8.45
N ARG A 78 -11.96 31.30 -7.46
CA ARG A 78 -10.69 32.00 -7.65
C ARG A 78 -9.71 31.16 -8.48
N MET A 79 -9.59 29.88 -8.14
CA MET A 79 -8.70 28.94 -8.83
C MET A 79 -9.13 28.61 -10.27
N LEU A 80 -10.44 28.50 -10.51
CA LEU A 80 -10.96 28.23 -11.85
C LEU A 80 -10.86 29.42 -12.81
N THR A 81 -10.94 30.63 -12.26
CA THR A 81 -10.69 31.85 -13.02
C THR A 81 -9.23 31.87 -13.52
N GLU A 82 -8.30 31.50 -12.64
CA GLU A 82 -6.89 31.40 -13.00
C GLU A 82 -6.64 30.25 -13.97
N ALA A 83 -7.37 29.15 -13.79
CA ALA A 83 -7.33 28.00 -14.69
C ALA A 83 -7.74 28.37 -16.12
N LYS A 84 -8.91 29.00 -16.26
CA LYS A 84 -9.42 29.41 -17.57
CA LYS A 84 -9.42 29.43 -17.56
C LYS A 84 -8.52 30.44 -18.27
N ARG A 85 -7.83 31.26 -17.47
CA ARG A 85 -6.88 32.26 -17.96
CA ARG A 85 -6.92 32.26 -18.04
C ARG A 85 -5.60 31.62 -18.49
N LYS A 86 -5.25 30.48 -17.90
CA LYS A 86 -4.02 29.75 -18.25
C LYS A 86 -4.24 28.73 -19.36
N THR A 87 -5.49 28.40 -19.63
CA THR A 87 -5.85 27.38 -20.61
C THR A 87 -6.27 27.99 -21.95
N THR A 88 -5.59 27.56 -23.02
CA THR A 88 -5.88 28.06 -24.37
C THR A 88 -6.75 27.10 -25.19
N SER A 89 -6.59 25.80 -24.92
CA SER A 89 -7.27 24.74 -25.67
CA SER A 89 -7.27 24.74 -25.67
C SER A 89 -8.80 24.82 -25.56
N PRO A 90 -9.49 24.71 -26.71
CA PRO A 90 -10.96 24.65 -26.70
C PRO A 90 -11.48 23.27 -26.24
N VAL A 91 -10.57 22.33 -26.05
CA VAL A 91 -10.85 20.98 -25.56
C VAL A 91 -11.22 20.94 -24.06
N VAL A 92 -10.65 21.86 -23.28
CA VAL A 92 -10.82 21.90 -21.83
C VAL A 92 -12.01 22.77 -21.40
N CYS A 93 -12.88 22.22 -20.55
CA CYS A 93 -13.89 23.03 -19.86
C CYS A 93 -13.72 22.92 -18.36
N TYR A 94 -14.15 23.95 -17.64
CA TYR A 94 -14.08 23.98 -16.20
C TYR A 94 -15.44 24.23 -15.57
N GLU A 95 -15.68 23.62 -14.41
CA GLU A 95 -16.95 23.76 -13.69
C GLU A 95 -16.71 23.86 -12.18
N GLN A 96 -17.34 24.85 -11.54
CA GLN A 96 -17.35 24.95 -10.10
C GLN A 96 -18.31 23.92 -9.53
N LYS A 97 -17.76 22.95 -8.81
CA LYS A 97 -18.49 21.77 -8.35
C LYS A 97 -17.72 21.05 -7.24
N ALA A 98 -18.43 20.55 -6.25
CA ALA A 98 -17.84 19.63 -5.27
C ALA A 98 -17.61 18.27 -5.92
N ILE A 99 -16.56 17.60 -5.47
CA ILE A 99 -16.17 16.28 -6.00
C ILE A 99 -17.22 15.22 -5.70
N GLU A 100 -17.90 15.36 -4.57
CA GLU A 100 -19.00 14.48 -4.19
C GLU A 100 -20.24 14.68 -5.06
N ASP A 101 -20.26 15.77 -5.83
CA ASP A 101 -21.43 16.13 -6.63
C ASP A 101 -21.25 15.91 -8.13
N ILE A 102 -20.19 15.19 -8.52
CA ILE A 102 -19.94 14.97 -9.95
C ILE A 102 -21.06 14.20 -10.65
N ALA A 103 -21.31 14.60 -11.89
CA ALA A 103 -22.41 14.05 -12.68
C ALA A 103 -22.16 12.60 -13.08
N ILE A 104 -23.22 11.79 -13.00
CA ILE A 104 -23.20 10.44 -13.55
C ILE A 104 -23.22 10.55 -15.06
N GLU A 105 -22.10 10.17 -15.67
CA GLU A 105 -21.99 10.04 -17.12
C GLU A 105 -21.35 8.70 -17.45
N PRO A 106 -22.16 7.64 -17.55
CA PRO A 106 -21.68 6.26 -17.71
C PRO A 106 -20.77 6.09 -18.93
N ASP A 107 -19.61 5.47 -18.69
CA ASP A 107 -18.63 5.12 -19.73
C ASP A 107 -18.06 6.31 -20.53
N ALA A 108 -18.11 7.51 -19.95
CA ALA A 108 -17.77 8.71 -20.70
C ALA A 108 -16.28 9.01 -20.71
N TYR A 109 -15.56 8.56 -19.67
CA TYR A 109 -14.15 8.89 -19.51
C TYR A 109 -13.18 7.75 -19.78
N ASN A 110 -12.03 8.09 -20.36
CA ASN A 110 -10.94 7.13 -20.51
C ASN A 110 -10.05 7.17 -19.28
N VAL A 111 -9.98 8.33 -18.65
CA VAL A 111 -9.09 8.54 -17.51
C VAL A 111 -9.72 9.54 -16.55
N VAL A 112 -9.63 9.21 -15.26
CA VAL A 112 -10.00 10.10 -14.18
C VAL A 112 -8.77 10.35 -13.30
N LEU A 113 -8.41 11.62 -13.12
CA LEU A 113 -7.26 12.03 -12.31
C LEU A 113 -7.69 12.83 -11.09
N SER A 114 -6.87 12.79 -10.03
CA SER A 114 -7.11 13.61 -8.83
C SER A 114 -5.84 13.80 -8.02
N SER A 115 -5.34 15.03 -7.98
CA SER A 115 -4.10 15.35 -7.28
CA SER A 115 -4.10 15.33 -7.27
C SER A 115 -4.32 16.03 -5.93
N LEU A 116 -3.96 15.33 -4.86
CA LEU A 116 -4.02 15.83 -3.47
C LEU A 116 -5.38 16.39 -3.05
N ALA A 117 -6.43 15.61 -3.29
CA ALA A 117 -7.79 16.06 -3.11
C ALA A 117 -8.68 15.12 -2.30
N LEU A 118 -8.55 13.80 -2.54
CA LEU A 118 -9.50 12.82 -1.99
C LEU A 118 -9.45 12.62 -0.45
N HIS A 119 -8.37 13.03 0.19
CA HIS A 119 -8.30 12.99 1.66
C HIS A 119 -9.17 14.09 2.31
N TYR A 120 -9.75 14.97 1.49
CA TYR A 120 -10.77 15.91 1.92
C TYR A 120 -12.21 15.40 1.74
N ILE A 121 -12.33 14.19 1.19
CA ILE A 121 -13.62 13.56 0.94
C ILE A 121 -13.92 12.50 2.01
N ALA A 122 -15.14 12.53 2.54
CA ALA A 122 -15.56 11.65 3.64
C ALA A 122 -15.70 10.19 3.20
N SER A 123 -16.35 9.96 2.06
CA SER A 123 -16.51 8.60 1.51
CA SER A 123 -16.51 8.62 1.51
C SER A 123 -15.76 8.29 0.23
N PHE A 124 -14.57 7.72 0.37
CA PHE A 124 -13.74 7.35 -0.77
C PHE A 124 -14.43 6.23 -1.57
N ASP A 125 -15.18 5.39 -0.87
CA ASP A 125 -16.06 4.41 -1.48
C ASP A 125 -17.07 4.98 -2.51
N ASP A 126 -17.70 6.12 -2.19
CA ASP A 126 -18.68 6.76 -3.08
C ASP A 126 -18.00 7.30 -4.33
N ILE A 127 -16.82 7.87 -4.15
CA ILE A 127 -16.00 8.36 -5.24
C ILE A 127 -15.58 7.23 -6.18
N CYS A 128 -15.17 6.09 -5.62
CA CYS A 128 -14.83 4.91 -6.42
C CYS A 128 -15.99 4.33 -7.20
N LYS A 129 -17.18 4.31 -6.59
CA LYS A 129 -18.39 3.85 -7.30
C LYS A 129 -18.71 4.75 -8.47
N LYS A 130 -18.58 6.06 -8.27
CA LYS A 130 -18.88 7.04 -9.31
CA LYS A 130 -18.88 7.04 -9.31
C LYS A 130 -17.83 7.04 -10.43
N VAL A 131 -16.55 6.93 -10.06
CA VAL A 131 -15.46 6.87 -11.03
C VAL A 131 -15.56 5.59 -11.88
N TYR A 132 -15.87 4.47 -11.22
CA TYR A 132 -16.09 3.19 -11.92
C TYR A 132 -17.16 3.32 -13.01
N ILE A 133 -18.33 3.87 -12.63
CA ILE A 133 -19.42 4.07 -13.57
C ILE A 133 -19.02 5.02 -14.70
N ASN A 134 -18.37 6.12 -14.36
CA ASN A 134 -17.99 7.15 -15.35
C ASN A 134 -16.89 6.75 -16.33
N LEU A 135 -16.14 5.72 -15.96
CA LEU A 135 -15.10 5.19 -16.82
C LEU A 135 -15.63 4.16 -17.80
N LYS A 136 -15.11 4.27 -19.02
CA LYS A 136 -15.24 3.28 -20.09
C LYS A 136 -14.50 1.99 -19.67
N SER A 137 -14.69 0.91 -20.43
CA SER A 137 -13.89 -0.33 -20.35
C SER A 137 -12.39 -0.04 -20.34
N SER A 138 -11.71 -0.66 -19.37
CA SER A 138 -10.26 -0.48 -19.13
CA SER A 138 -10.27 -0.48 -19.11
C SER A 138 -9.83 0.98 -18.91
N GLY A 139 -10.77 1.80 -18.43
CA GLY A 139 -10.48 3.20 -18.08
C GLY A 139 -9.52 3.33 -16.93
N SER A 140 -8.86 4.48 -16.82
CA SER A 140 -7.81 4.71 -15.84
C SER A 140 -8.25 5.60 -14.70
N PHE A 141 -7.77 5.29 -13.49
CA PHE A 141 -8.07 6.08 -12.31
C PHE A 141 -6.77 6.24 -11.53
N ILE A 142 -6.23 7.46 -11.57
CA ILE A 142 -4.94 7.74 -11.01
C ILE A 142 -5.10 8.88 -10.01
N PHE A 143 -4.71 8.66 -8.76
CA PHE A 143 -4.87 9.68 -7.74
C PHE A 143 -3.76 9.69 -6.71
N SER A 144 -3.69 10.79 -5.96
CA SER A 144 -2.74 10.97 -4.88
C SER A 144 -3.44 11.58 -3.69
N VAL A 145 -3.15 11.06 -2.52
CA VAL A 145 -3.67 11.61 -1.27
C VAL A 145 -2.47 11.81 -0.34
N GLU A 146 -2.66 12.64 0.67
CA GLU A 146 -1.75 12.69 1.80
C GLU A 146 -1.77 11.34 2.49
N HIS A 147 -0.57 10.87 2.87
CA HIS A 147 -0.37 9.51 3.35
C HIS A 147 -1.13 9.26 4.64
N PRO A 148 -1.73 8.06 4.79
CA PRO A 148 -2.28 7.61 6.08
C PRO A 148 -1.39 7.84 7.30
N VAL A 149 -0.07 7.65 7.14
CA VAL A 149 0.93 7.96 8.18
C VAL A 149 1.02 9.46 8.47
N PHE A 150 0.82 10.28 7.45
CA PHE A 150 0.75 11.75 7.65
C PHE A 150 -0.49 12.17 8.45
N THR A 151 -1.62 11.52 8.22
CA THR A 151 -2.90 11.97 8.77
C THR A 151 -3.28 11.26 10.06
N ALA A 152 -2.63 10.13 10.34
CA ALA A 152 -3.03 9.24 11.44
C ALA A 152 -3.16 9.93 12.79
N ASP A 153 -2.07 10.54 13.26
CA ASP A 153 -2.02 11.15 14.59
C ASP A 153 -3.00 12.31 14.68
N GLY A 154 -2.94 13.21 13.70
CA GLY A 154 -3.87 14.33 13.64
C GLY A 154 -3.16 15.67 13.72
N ARG A 155 -2.05 15.70 14.48
CA ARG A 155 -1.27 16.92 14.67
CA ARG A 155 -1.29 16.92 14.67
C ARG A 155 -0.55 17.34 13.39
N GLN A 156 -0.33 16.36 12.51
CA GLN A 156 0.28 16.54 11.18
C GLN A 156 1.61 17.29 11.20
N ASP A 157 2.44 16.93 12.19
CA ASP A 157 3.70 17.61 12.46
C ASP A 157 4.65 16.66 13.20
N TRP A 158 5.91 17.06 13.25
CA TRP A 158 6.98 16.35 13.93
C TRP A 158 6.79 16.37 15.44
N TYR A 159 7.31 15.34 16.10
CA TYR A 159 7.44 15.39 17.55
C TYR A 159 8.74 16.11 17.83
N THR A 160 8.66 17.15 18.64
CA THR A 160 9.79 18.04 18.87
C THR A 160 10.17 18.06 20.34
N ASP A 161 11.46 18.27 20.60
CA ASP A 161 11.95 18.46 21.98
C ASP A 161 11.90 19.94 22.40
N GLU A 162 12.60 20.28 23.49
CA GLU A 162 12.59 21.63 24.06
C GLU A 162 13.37 22.61 23.18
N THR A 163 14.43 22.13 22.55
CA THR A 163 15.25 22.95 21.65
C THR A 163 14.60 23.05 20.27
N GLY A 164 13.70 22.12 19.97
CA GLY A 164 12.91 22.16 18.74
C GLY A 164 13.38 21.26 17.59
N ASN A 165 14.16 20.24 17.93
CA ASN A 165 14.59 19.23 16.95
C ASN A 165 13.44 18.29 16.61
N LYS A 166 13.27 17.96 15.33
CA LYS A 166 12.29 16.97 14.91
C LYS A 166 12.87 15.61 15.29
N LEU A 167 12.36 15.05 16.38
CA LEU A 167 12.87 13.79 16.91
C LEU A 167 12.47 12.62 16.04
N HIS A 168 11.19 12.58 15.68
CA HIS A 168 10.59 11.51 14.88
C HIS A 168 9.19 11.96 14.49
N TRP A 169 8.58 11.22 13.58
CA TRP A 169 7.20 11.46 13.18
C TRP A 169 6.25 10.59 14.01
N PRO A 170 5.33 11.21 14.77
CA PRO A 170 4.41 10.48 15.62
C PRO A 170 3.24 9.87 14.85
N VAL A 171 2.94 8.60 15.16
CA VAL A 171 1.80 7.90 14.60
C VAL A 171 0.91 7.45 15.76
N ASP A 172 -0.39 7.75 15.66
CA ASP A 172 -1.37 7.30 16.64
C ASP A 172 -2.72 7.16 15.94
N ARG A 173 -3.64 6.41 16.56
CA ARG A 173 -5.04 6.27 16.09
C ARG A 173 -5.14 5.83 14.63
N TYR A 174 -4.24 4.94 14.22
CA TYR A 174 -4.08 4.60 12.81
C TYR A 174 -5.32 3.95 12.21
N PHE A 175 -6.05 3.21 13.03
CA PHE A 175 -7.26 2.52 12.57
C PHE A 175 -8.53 3.30 12.90
N ASN A 176 -8.38 4.50 13.44
CA ASN A 176 -9.53 5.40 13.64
C ASN A 176 -9.79 6.22 12.40
N GLU A 177 -10.66 5.69 11.52
CA GLU A 177 -10.96 6.35 10.26
C GLU A 177 -12.01 7.41 10.50
N SER A 178 -11.51 8.56 10.94
CA SER A 178 -12.32 9.68 11.33
CA SER A 178 -12.35 9.68 11.27
C SER A 178 -11.74 10.97 10.76
N MET A 179 -12.50 12.06 10.89
CA MET A 179 -12.05 13.39 10.54
C MET A 179 -10.81 13.80 11.32
N ARG A 180 -9.93 14.53 10.64
CA ARG A 180 -8.79 15.19 11.25
C ARG A 180 -8.90 16.67 10.96
N THR A 181 -9.08 17.46 12.02
CA THR A 181 -9.25 18.89 11.93
C THR A 181 -7.99 19.61 12.40
N SER A 182 -7.57 20.62 11.64
CA SER A 182 -6.49 21.50 12.05
C SER A 182 -6.94 22.96 12.03
N HIS A 183 -6.40 23.75 12.95
CA HIS A 183 -6.86 25.13 13.14
C HIS A 183 -5.79 26.16 12.82
N PHE A 184 -6.14 27.07 11.92
CA PHE A 184 -5.35 28.25 11.64
C PHE A 184 -6.25 29.47 11.83
N LEU A 185 -5.67 30.65 11.95
CA LEU A 185 -6.44 31.88 12.11
C LEU A 185 -7.35 32.11 10.90
N GLY A 186 -8.66 32.05 11.14
CA GLY A 186 -9.66 32.24 10.09
C GLY A 186 -9.97 31.05 9.21
N GLU A 187 -9.22 29.95 9.38
CA GLU A 187 -9.39 28.73 8.59
C GLU A 187 -9.67 27.51 9.45
N ASP A 188 -10.52 26.63 8.94
CA ASP A 188 -10.66 25.30 9.50
C ASP A 188 -10.42 24.30 8.39
N VAL A 189 -9.33 23.53 8.51
CA VAL A 189 -9.05 22.48 7.55
C VAL A 189 -9.66 21.17 8.04
N GLN A 190 -10.43 20.52 7.17
CA GLN A 190 -11.06 19.26 7.50
C GLN A 190 -10.60 18.17 6.53
N LYS A 191 -9.93 17.15 7.06
CA LYS A 191 -9.48 15.98 6.30
C LYS A 191 -10.07 14.70 6.89
N TYR A 192 -10.02 13.60 6.14
CA TYR A 192 -10.54 12.32 6.63
C TYR A 192 -9.46 11.27 6.57
N HIS A 193 -9.12 10.72 7.73
CA HIS A 193 -8.07 9.70 7.80
C HIS A 193 -8.61 8.35 7.37
N ARG A 194 -7.84 7.66 6.54
CA ARG A 194 -8.14 6.30 6.15
C ARG A 194 -6.81 5.54 6.14
N THR A 195 -6.88 4.20 6.22
CA THR A 195 -5.66 3.39 6.24
C THR A 195 -5.23 3.11 4.81
N VAL A 196 -4.00 2.60 4.65
CA VAL A 196 -3.53 2.06 3.36
C VAL A 196 -4.47 0.95 2.85
N THR A 197 -4.85 0.04 3.75
CA THR A 197 -5.83 -1.03 3.51
C THR A 197 -7.10 -0.50 2.84
N THR A 198 -7.71 0.50 3.46
CA THR A 198 -8.96 1.09 2.97
C THR A 198 -8.83 1.63 1.55
N TYR A 199 -7.79 2.40 1.26
CA TYR A 199 -7.56 2.88 -0.10
C TYR A 199 -7.44 1.74 -1.12
N ILE A 200 -6.64 0.73 -0.79
CA ILE A 200 -6.39 -0.38 -1.71
C ILE A 200 -7.61 -1.31 -1.83
N GLN A 201 -8.18 -1.72 -0.70
CA GLN A 201 -9.34 -2.64 -0.67
C GLN A 201 -10.60 -2.04 -1.26
N THR A 202 -10.79 -0.73 -1.07
CA THR A 202 -11.92 -0.01 -1.66
C THR A 202 -11.86 0.00 -3.18
N LEU A 203 -10.67 0.27 -3.73
CA LEU A 203 -10.48 0.17 -5.17
C LEU A 203 -10.77 -1.25 -5.70
N LEU A 204 -10.24 -2.26 -5.01
CA LEU A 204 -10.36 -3.66 -5.44
C LEU A 204 -11.79 -4.18 -5.41
N LYS A 205 -12.54 -3.86 -4.33
CA LYS A 205 -13.94 -4.31 -4.20
CA LYS A 205 -13.93 -4.31 -4.22
C LYS A 205 -14.88 -3.55 -5.13
N ASN A 206 -14.44 -2.38 -5.60
CA ASN A 206 -15.22 -1.61 -6.57
C ASN A 206 -14.92 -1.94 -8.03
N GLY A 207 -14.07 -2.95 -8.25
CA GLY A 207 -13.81 -3.48 -9.59
C GLY A 207 -12.60 -2.92 -10.30
N PHE A 208 -11.66 -2.34 -9.54
CA PHE A 208 -10.42 -1.84 -10.12
C PHE A 208 -9.28 -2.81 -9.90
N GLN A 209 -8.33 -2.79 -10.84
CA GLN A 209 -7.08 -3.54 -10.73
C GLN A 209 -6.00 -2.55 -10.33
N ILE A 210 -5.12 -2.96 -9.41
CA ILE A 210 -4.03 -2.10 -8.94
C ILE A 210 -2.80 -2.21 -9.87
N ASN A 211 -2.43 -1.11 -10.52
CA ASN A 211 -1.27 -1.07 -11.41
C ASN A 211 0.02 -0.62 -10.72
N SER A 212 -0.11 0.33 -9.80
CA SER A 212 1.04 0.90 -9.10
C SER A 212 0.61 1.52 -7.78
N VAL A 213 1.48 1.39 -6.78
CA VAL A 213 1.30 2.06 -5.48
C VAL A 213 2.66 2.66 -5.11
N ILE A 214 2.75 3.99 -5.06
CA ILE A 214 4.02 4.67 -4.77
C ILE A 214 3.87 5.64 -3.59
N GLU A 215 4.85 5.62 -2.70
CA GLU A 215 5.05 6.68 -1.73
C GLU A 215 6.24 7.50 -2.22
N PRO A 216 5.98 8.71 -2.78
CA PRO A 216 7.03 9.58 -3.33
C PRO A 216 8.09 10.07 -2.34
N GLU A 217 9.35 9.90 -2.74
CA GLU A 217 10.48 10.58 -2.12
C GLU A 217 10.64 11.92 -2.84
N PRO A 218 11.40 12.88 -2.25
CA PRO A 218 11.70 14.14 -2.98
C PRO A 218 12.27 13.92 -4.38
N ALA A 219 11.82 14.76 -5.32
CA ALA A 219 12.29 14.73 -6.72
C ALA A 219 13.82 14.88 -6.81
N PRO A 220 14.47 14.14 -7.74
CA PRO A 220 15.94 14.15 -7.88
C PRO A 220 16.58 15.52 -8.10
N GLU A 221 15.80 16.48 -8.62
CA GLU A 221 16.27 17.85 -8.79
C GLU A 221 16.46 18.56 -7.44
N LEU A 222 15.63 18.22 -6.46
CA LEU A 222 15.71 18.85 -5.14
C LEU A 222 16.05 17.88 -3.98
N LYS A 223 16.74 16.80 -4.30
CA LYS A 223 17.14 15.80 -3.30
C LYS A 223 18.23 16.29 -2.33
N ASP A 224 19.04 17.24 -2.79
CA ASP A 224 20.09 17.84 -1.97
C ASP A 224 19.54 18.85 -0.97
N LEU A 225 18.59 19.67 -1.43
CA LEU A 225 17.95 20.73 -0.64
C LEU A 225 17.66 20.36 0.83
N PRO A 226 18.25 21.12 1.78
CA PRO A 226 18.22 20.89 3.24
C PRO A 226 16.84 20.66 3.84
N GLU A 227 15.84 21.40 3.36
CA GLU A 227 14.45 21.27 3.83
C GLU A 227 13.76 19.98 3.35
N MET A 228 14.33 19.33 2.33
CA MET A 228 13.78 18.08 1.80
C MET A 228 14.31 16.82 2.49
N GLN A 229 15.24 17.02 3.44
CA GLN A 229 15.92 15.93 4.15
C GLN A 229 15.02 15.18 5.14
N ASP A 230 14.10 15.90 5.77
CA ASP A 230 13.13 15.32 6.69
C ASP A 230 12.05 14.50 5.96
N GLU A 231 11.97 14.66 4.64
CA GLU A 231 10.97 13.98 3.82
C GLU A 231 11.32 12.52 3.53
N TYR A 232 12.58 12.15 3.79
CA TYR A 232 13.03 10.76 3.72
C TYR A 232 12.68 9.98 4.99
N ARG A 233 12.24 10.70 6.02
CA ARG A 233 12.04 10.11 7.34
C ARG A 233 10.64 9.53 7.55
N ARG A 234 9.65 10.11 6.87
CA ARG A 234 8.29 9.62 6.88
C ARG A 234 7.65 9.93 5.52
N PRO A 235 6.69 9.11 5.08
CA PRO A 235 6.02 9.45 3.81
C PRO A 235 4.92 10.52 3.99
N MET A 236 4.92 11.53 3.13
CA MET A 236 3.87 12.53 3.14
C MET A 236 2.69 12.16 2.24
N MET A 237 2.97 11.40 1.17
CA MET A 237 1.95 11.12 0.13
C MET A 237 1.82 9.64 -0.28
N LEU A 238 0.62 9.30 -0.75
CA LEU A 238 0.30 8.01 -1.33
C LEU A 238 -0.28 8.21 -2.72
N LEU A 239 0.32 7.57 -3.73
CA LEU A 239 -0.11 7.65 -5.12
C LEU A 239 -0.49 6.28 -5.62
N ILE A 240 -1.62 6.18 -6.33
CA ILE A 240 -2.13 4.90 -6.80
C ILE A 240 -2.69 5.00 -8.21
N SER A 241 -2.33 4.04 -9.05
CA SER A 241 -2.85 3.92 -10.40
C SER A 241 -3.71 2.66 -10.50
N ALA A 242 -4.88 2.80 -11.08
CA ALA A 242 -5.82 1.69 -11.14
C ALA A 242 -6.55 1.68 -12.46
N THR A 243 -6.94 0.47 -12.89
CA THR A 243 -7.62 0.23 -14.17
CA THR A 243 -7.67 0.31 -14.15
C THR A 243 -8.99 -0.40 -13.91
N LYS A 244 -10.02 0.10 -14.59
CA LYS A 244 -11.34 -0.50 -14.53
C LYS A 244 -11.31 -1.91 -15.10
N GLN A 245 -11.89 -2.85 -14.35
CA GLN A 245 -12.14 -4.22 -14.82
C GLN A 245 -13.64 -4.45 -14.76
N GLU A 246 -14.19 -5.14 -15.76
CA GLU A 246 -15.60 -5.54 -15.70
C GLU A 246 -15.74 -7.06 -15.54
N LYS B 28 -0.18 -11.96 18.72
CA LYS B 28 0.33 -11.63 17.36
C LYS B 28 0.23 -12.83 16.40
N ALA B 29 0.67 -13.99 16.88
CA ALA B 29 0.75 -15.21 16.06
C ALA B 29 -0.61 -15.76 15.66
N ALA B 30 -1.53 -15.81 16.64
CA ALA B 30 -2.91 -16.29 16.40
C ALA B 30 -3.72 -15.26 15.61
N GLY B 31 -3.46 -13.99 15.87
CA GLY B 31 -4.07 -12.89 15.12
C GLY B 31 -3.67 -12.86 13.66
N GLU B 32 -2.43 -13.30 13.39
CA GLU B 32 -1.90 -13.43 12.03
C GLU B 32 -2.66 -14.49 11.25
N TRP B 33 -2.94 -15.60 11.91
CA TRP B 33 -3.63 -16.72 11.31
C TRP B 33 -5.08 -16.40 10.93
N HIS B 34 -5.79 -15.75 11.86
CA HIS B 34 -7.21 -15.40 11.68
CA HIS B 34 -7.21 -15.42 11.66
C HIS B 34 -7.45 -14.63 10.38
N GLU B 35 -6.55 -13.69 10.08
CA GLU B 35 -6.63 -12.86 8.89
C GLU B 35 -6.06 -13.56 7.64
N LEU B 36 -4.98 -14.30 7.81
CA LEU B 36 -4.35 -15.07 6.72
C LEU B 36 -5.24 -16.21 6.20
N LYS B 37 -5.96 -16.87 7.11
CA LYS B 37 -6.94 -17.92 6.78
C LYS B 37 -7.96 -17.42 5.74
N LYS B 38 -8.40 -16.17 5.93
CA LYS B 38 -9.38 -15.55 5.04
CA LYS B 38 -9.38 -15.53 5.06
C LYS B 38 -8.85 -15.32 3.62
N MET B 39 -7.53 -15.25 3.47
CA MET B 39 -6.91 -15.06 2.16
C MET B 39 -6.71 -16.36 1.39
N LEU B 40 -6.58 -17.46 2.13
CA LEU B 40 -6.26 -18.79 1.58
C LEU B 40 -7.28 -19.29 0.56
N PRO B 41 -6.79 -19.82 -0.58
CA PRO B 41 -7.68 -20.35 -1.61
C PRO B 41 -8.14 -21.77 -1.31
N ASP B 42 -8.99 -22.31 -2.19
CA ASP B 42 -9.38 -23.71 -2.15
C ASP B 42 -8.13 -24.58 -2.38
N PHE B 43 -7.80 -25.39 -1.37
CA PHE B 43 -6.60 -26.23 -1.40
C PHE B 43 -6.74 -27.58 -2.12
N ASN B 44 -7.95 -27.87 -2.61
CA ASN B 44 -8.24 -29.17 -3.24
C ASN B 44 -7.44 -29.51 -4.50
N GLN B 45 -6.60 -30.54 -4.37
CA GLN B 45 -5.59 -30.95 -5.36
C GLN B 45 -4.69 -29.81 -5.82
N LYS B 46 -4.21 -29.07 -4.83
CA LYS B 46 -3.31 -27.95 -5.00
C LYS B 46 -1.95 -28.39 -4.47
N THR B 47 -0.89 -28.03 -5.18
CA THR B 47 0.46 -28.28 -4.67
C THR B 47 0.94 -27.03 -3.93
N VAL B 48 1.25 -27.19 -2.64
CA VAL B 48 1.52 -26.08 -1.71
C VAL B 48 3.00 -26.01 -1.28
N LEU B 49 3.51 -24.80 -1.09
CA LEU B 49 4.81 -24.54 -0.47
C LEU B 49 4.66 -23.57 0.71
N ASP B 50 5.15 -23.97 1.88
CA ASP B 50 5.10 -23.09 3.04
C ASP B 50 6.52 -22.70 3.41
N LEU B 51 6.79 -21.39 3.45
CA LEU B 51 8.13 -20.86 3.72
C LEU B 51 8.22 -20.33 5.14
N GLY B 52 9.10 -20.94 5.94
CA GLY B 52 9.20 -20.63 7.35
C GLY B 52 8.02 -21.26 8.08
N CYS B 53 7.89 -22.58 7.90
CA CYS B 53 6.70 -23.33 8.33
C CYS B 53 6.54 -23.55 9.84
N GLY B 54 7.60 -23.27 10.61
CA GLY B 54 7.57 -23.40 12.07
C GLY B 54 7.20 -24.79 12.52
N PHE B 55 6.07 -24.89 13.21
CA PHE B 55 5.57 -26.19 13.70
C PHE B 55 4.60 -26.85 12.71
N GLY B 56 4.45 -26.25 11.52
CA GLY B 56 3.74 -26.86 10.39
C GLY B 56 2.23 -26.67 10.26
N TRP B 57 1.71 -25.66 10.94
CA TRP B 57 0.27 -25.38 10.99
CA TRP B 57 0.27 -25.39 10.99
C TRP B 57 -0.39 -25.26 9.61
N HIS B 58 0.26 -24.53 8.69
CA HIS B 58 -0.31 -24.31 7.36
C HIS B 58 -0.27 -25.58 6.52
N CYS B 59 0.79 -26.36 6.73
CA CYS B 59 0.99 -27.62 6.02
C CYS B 59 -0.08 -28.66 6.38
N ILE B 60 -0.44 -28.72 7.67
CA ILE B 60 -1.54 -29.59 8.15
C ILE B 60 -2.90 -29.10 7.64
N TYR B 61 -3.09 -27.78 7.67
CA TYR B 61 -4.33 -27.15 7.20
C TYR B 61 -4.58 -27.49 5.74
N ALA B 62 -3.55 -27.29 4.91
CA ALA B 62 -3.65 -27.54 3.47
C ALA B 62 -3.94 -29.00 3.15
N ALA B 63 -3.22 -29.90 3.81
CA ALA B 63 -3.36 -31.35 3.60
C ALA B 63 -4.78 -31.85 3.88
N GLU B 64 -5.38 -31.39 4.98
CA GLU B 64 -6.73 -31.79 5.35
C GLU B 64 -7.82 -31.08 4.55
N HIS B 65 -7.46 -30.01 3.84
CA HIS B 65 -8.40 -29.33 2.93
C HIS B 65 -8.23 -29.77 1.48
N GLY B 66 -7.56 -30.91 1.29
CA GLY B 66 -7.56 -31.62 0.02
C GLY B 66 -6.36 -31.42 -0.89
N ALA B 67 -5.23 -30.98 -0.32
CA ALA B 67 -4.01 -30.78 -1.09
C ALA B 67 -3.35 -32.10 -1.45
N LYS B 68 -2.86 -32.18 -2.69
CA LYS B 68 -2.26 -33.41 -3.20
C LYS B 68 -0.79 -33.59 -2.80
N LYS B 69 -0.13 -32.47 -2.52
CA LYS B 69 1.30 -32.41 -2.21
C LYS B 69 1.64 -31.10 -1.49
N VAL B 70 2.31 -31.19 -0.35
CA VAL B 70 2.73 -30.00 0.41
C VAL B 70 4.22 -30.13 0.82
N LEU B 71 4.99 -29.07 0.60
CA LEU B 71 6.35 -28.99 1.14
C LEU B 71 6.51 -27.82 2.09
N GLY B 72 6.94 -28.10 3.31
CA GLY B 72 7.21 -27.04 4.30
C GLY B 72 8.69 -26.97 4.61
N ILE B 73 9.23 -25.75 4.65
CA ILE B 73 10.64 -25.55 4.94
C ILE B 73 10.86 -24.61 6.14
N ASP B 74 11.91 -24.86 6.89
CA ASP B 74 12.31 -24.01 8.02
C ASP B 74 13.80 -24.15 8.23
N LEU B 75 14.42 -23.09 8.76
CA LEU B 75 15.84 -23.10 9.09
C LEU B 75 16.11 -23.95 10.34
N SER B 76 15.26 -23.78 11.36
CA SER B 76 15.46 -24.40 12.67
C SER B 76 15.12 -25.89 12.69
N GLU B 77 16.07 -26.68 13.19
CA GLU B 77 15.87 -28.12 13.30
CA GLU B 77 15.93 -28.13 13.35
C GLU B 77 14.99 -28.47 14.51
N ARG B 78 15.12 -27.70 15.59
CA ARG B 78 14.28 -27.85 16.79
C ARG B 78 12.78 -27.66 16.50
N MET B 79 12.46 -26.69 15.65
CA MET B 79 11.07 -26.43 15.27
C MET B 79 10.54 -27.45 14.27
N LEU B 80 11.42 -27.98 13.41
CA LEU B 80 11.04 -29.02 12.45
C LEU B 80 10.92 -30.42 13.03
N THR B 81 11.59 -30.63 14.18
CA THR B 81 11.45 -31.86 14.95
C THR B 81 10.02 -31.96 15.49
N GLU B 82 9.58 -30.87 16.14
CA GLU B 82 8.23 -30.71 16.65
C GLU B 82 7.17 -30.70 15.53
N ALA B 83 7.53 -30.16 14.37
CA ALA B 83 6.66 -30.10 13.19
C ALA B 83 6.26 -31.49 12.66
N LYS B 84 7.26 -32.34 12.43
CA LYS B 84 7.04 -33.72 11.98
C LYS B 84 6.33 -34.58 13.05
N ARG B 85 6.57 -34.23 14.31
CA ARG B 85 5.96 -34.88 15.47
C ARG B 85 4.43 -34.69 15.51
N LYS B 86 3.98 -33.48 15.19
CA LYS B 86 2.56 -33.15 15.25
CA LYS B 86 2.55 -33.17 15.25
C LYS B 86 1.87 -33.18 13.88
N THR B 87 2.45 -33.95 12.94
CA THR B 87 1.92 -34.07 11.58
C THR B 87 1.63 -35.53 11.21
N THR B 88 0.43 -35.75 10.65
CA THR B 88 -0.06 -37.11 10.36
C THR B 88 -0.06 -37.43 8.86
N SER B 89 -0.55 -36.49 8.05
CA SER B 89 -0.73 -36.69 6.61
C SER B 89 0.57 -37.00 5.84
N PRO B 90 0.55 -38.03 4.98
CA PRO B 90 1.65 -38.40 4.09
C PRO B 90 1.72 -37.57 2.80
N VAL B 91 0.78 -36.64 2.62
CA VAL B 91 0.80 -35.67 1.53
C VAL B 91 1.89 -34.61 1.76
N VAL B 92 2.14 -34.32 3.04
CA VAL B 92 3.06 -33.25 3.44
C VAL B 92 4.46 -33.73 3.84
N CYS B 93 5.45 -33.20 3.11
CA CYS B 93 6.86 -33.48 3.35
CA CYS B 93 6.86 -33.48 3.35
C CYS B 93 7.54 -32.25 3.95
N TYR B 94 8.55 -32.48 4.79
CA TYR B 94 9.34 -31.39 5.39
C TYR B 94 10.82 -31.48 5.02
N GLU B 95 11.48 -30.32 4.95
CA GLU B 95 12.92 -30.23 4.68
C GLU B 95 13.54 -29.13 5.55
N GLN B 96 14.80 -29.32 5.94
CA GLN B 96 15.53 -28.30 6.69
C GLN B 96 16.31 -27.41 5.72
N LYS B 97 15.81 -26.18 5.52
CA LYS B 97 16.30 -25.30 4.47
C LYS B 97 15.96 -23.85 4.77
N ALA B 98 16.90 -22.95 4.49
CA ALA B 98 16.67 -21.51 4.59
C ALA B 98 15.80 -21.04 3.43
N ILE B 99 15.02 -19.98 3.66
CA ILE B 99 14.10 -19.42 2.66
C ILE B 99 14.80 -18.98 1.37
N GLU B 100 15.96 -18.34 1.51
CA GLU B 100 16.74 -17.86 0.37
C GLU B 100 17.42 -18.98 -0.45
N ASP B 101 17.31 -20.23 0.02
CA ASP B 101 17.94 -21.36 -0.66
C ASP B 101 16.94 -22.37 -1.22
N ILE B 102 15.67 -21.98 -1.34
CA ILE B 102 14.62 -22.84 -1.91
C ILE B 102 14.93 -23.30 -3.34
N ALA B 103 14.53 -24.53 -3.63
CA ALA B 103 14.85 -25.17 -4.89
C ALA B 103 14.06 -24.58 -6.05
N ILE B 104 14.73 -24.41 -7.18
CA ILE B 104 14.07 -23.98 -8.40
C ILE B 104 13.34 -25.20 -8.97
N GLU B 105 12.01 -25.14 -8.88
CA GLU B 105 11.16 -26.16 -9.48
C GLU B 105 10.05 -25.48 -10.27
N PRO B 106 10.29 -25.25 -11.58
CA PRO B 106 9.40 -24.53 -12.49
C PRO B 106 8.01 -25.13 -12.59
N ASP B 107 6.99 -24.27 -12.48
CA ASP B 107 5.57 -24.63 -12.62
C ASP B 107 5.12 -25.78 -11.72
N ALA B 108 5.62 -25.82 -10.49
CA ALA B 108 5.40 -26.96 -9.59
C ALA B 108 4.33 -26.71 -8.53
N TYR B 109 4.12 -25.45 -8.18
CA TYR B 109 3.22 -25.12 -7.07
C TYR B 109 1.99 -24.32 -7.49
N ASN B 110 0.89 -24.55 -6.78
CA ASN B 110 -0.32 -23.76 -6.95
C ASN B 110 -0.35 -22.60 -5.96
N VAL B 111 0.26 -22.80 -4.80
CA VAL B 111 0.21 -21.82 -3.73
C VAL B 111 1.50 -21.78 -2.91
N VAL B 112 2.04 -20.58 -2.70
CA VAL B 112 3.19 -20.38 -1.82
C VAL B 112 2.75 -19.50 -0.66
N LEU B 113 3.00 -19.96 0.56
CA LEU B 113 2.71 -19.19 1.78
C LEU B 113 3.96 -18.81 2.55
N SER B 114 3.87 -17.69 3.27
CA SER B 114 4.91 -17.29 4.21
C SER B 114 4.33 -16.45 5.34
N SER B 115 4.39 -16.97 6.56
CA SER B 115 3.86 -16.26 7.72
C SER B 115 4.96 -15.62 8.57
N LEU B 116 5.01 -14.29 8.57
CA LEU B 116 5.91 -13.46 9.40
C LEU B 116 7.39 -13.83 9.28
N ALA B 117 7.88 -13.85 8.05
CA ALA B 117 9.18 -14.41 7.76
C ALA B 117 10.00 -13.57 6.80
N LEU B 118 9.34 -12.91 5.86
CA LEU B 118 10.06 -12.28 4.75
C LEU B 118 10.77 -10.96 5.11
N HIS B 119 10.37 -10.35 6.23
CA HIS B 119 11.09 -9.19 6.79
C HIS B 119 12.44 -9.54 7.44
N TYR B 120 12.75 -10.85 7.53
CA TYR B 120 14.07 -11.33 7.95
C TYR B 120 14.98 -11.66 6.76
N ILE B 121 14.45 -11.49 5.54
CA ILE B 121 15.16 -11.83 4.31
C ILE B 121 15.57 -10.52 3.64
N ALA B 122 16.84 -10.45 3.24
CA ALA B 122 17.44 -9.25 2.68
C ALA B 122 16.85 -8.87 1.32
N SER B 123 16.80 -9.81 0.39
CA SER B 123 16.25 -9.54 -0.94
CA SER B 123 16.25 -9.54 -0.94
C SER B 123 14.86 -10.12 -1.12
N PHE B 124 13.85 -9.26 -1.06
CA PHE B 124 12.47 -9.65 -1.31
C PHE B 124 12.25 -9.83 -2.82
N ASP B 125 13.07 -9.13 -3.62
CA ASP B 125 13.07 -9.27 -5.07
C ASP B 125 13.46 -10.68 -5.52
N ASP B 126 14.47 -11.24 -4.86
CA ASP B 126 14.97 -12.59 -5.14
C ASP B 126 13.95 -13.65 -4.79
N ILE B 127 13.25 -13.48 -3.68
CA ILE B 127 12.16 -14.37 -3.29
C ILE B 127 11.05 -14.37 -4.35
N CYS B 128 10.65 -13.18 -4.77
CA CYS B 128 9.65 -12.98 -5.82
C CYS B 128 9.98 -13.61 -7.17
N LYS B 129 11.26 -13.54 -7.55
CA LYS B 129 11.74 -14.13 -8.80
C LYS B 129 11.65 -15.64 -8.80
N LYS B 130 11.97 -16.23 -7.64
CA LYS B 130 11.94 -17.68 -7.46
C LYS B 130 10.51 -18.20 -7.33
N VAL B 131 9.68 -17.48 -6.57
CA VAL B 131 8.28 -17.85 -6.34
C VAL B 131 7.44 -17.77 -7.64
N TYR B 132 7.68 -16.73 -8.44
CA TYR B 132 7.11 -16.63 -9.77
C TYR B 132 7.42 -17.89 -10.60
N ILE B 133 8.71 -18.23 -10.67
CA ILE B 133 9.18 -19.40 -11.43
C ILE B 133 8.58 -20.70 -10.88
N ASN B 134 8.56 -20.85 -9.56
CA ASN B 134 8.01 -22.03 -8.90
C ASN B 134 6.48 -22.20 -8.96
N LEU B 135 5.75 -21.12 -9.25
CA LEU B 135 4.29 -21.18 -9.32
C LEU B 135 3.79 -21.55 -10.72
N LYS B 136 2.61 -22.14 -10.76
CA LYS B 136 1.87 -22.38 -12.00
C LYS B 136 1.08 -21.13 -12.36
N SER B 137 0.47 -21.14 -13.54
CA SER B 137 -0.44 -20.08 -13.99
C SER B 137 -1.55 -19.87 -12.96
N SER B 138 -1.81 -18.59 -12.68
CA SER B 138 -2.83 -18.14 -11.71
CA SER B 138 -2.82 -18.14 -11.71
C SER B 138 -2.65 -18.74 -10.31
N GLY B 139 -1.42 -19.09 -9.97
CA GLY B 139 -1.11 -19.58 -8.63
C GLY B 139 -0.87 -18.43 -7.68
N SER B 140 -1.16 -18.62 -6.39
CA SER B 140 -1.10 -17.53 -5.42
C SER B 140 0.13 -17.49 -4.51
N PHE B 141 0.58 -16.28 -4.23
CA PHE B 141 1.65 -16.01 -3.30
C PHE B 141 1.03 -15.15 -2.20
N ILE B 142 0.82 -15.77 -1.05
CA ILE B 142 0.18 -15.11 0.09
C ILE B 142 1.18 -15.03 1.23
N PHE B 143 1.40 -13.83 1.77
CA PHE B 143 2.38 -13.68 2.83
C PHE B 143 2.07 -12.58 3.84
N SER B 144 2.77 -12.63 4.97
CA SER B 144 2.64 -11.63 6.00
C SER B 144 4.02 -11.23 6.51
N VAL B 145 4.20 -9.93 6.76
CA VAL B 145 5.44 -9.40 7.33
C VAL B 145 5.10 -8.39 8.42
N GLU B 146 6.09 -8.03 9.23
CA GLU B 146 5.96 -6.90 10.13
C GLU B 146 5.84 -5.64 9.28
N HIS B 147 4.89 -4.80 9.66
CA HIS B 147 4.54 -3.61 8.89
C HIS B 147 5.73 -2.66 8.87
N PRO B 148 6.01 -2.06 7.70
CA PRO B 148 7.00 -0.98 7.53
C PRO B 148 7.01 0.12 8.60
N VAL B 149 5.83 0.46 9.13
CA VAL B 149 5.67 1.43 10.23
C VAL B 149 6.21 0.89 11.58
N PHE B 150 6.09 -0.42 11.79
CA PHE B 150 6.71 -1.07 12.95
C PHE B 150 8.25 -1.12 12.84
N THR B 151 8.75 -1.25 11.61
CA THR B 151 10.19 -1.49 11.39
C THR B 151 11.02 -0.26 10.99
N ALA B 152 10.35 0.85 10.69
CA ALA B 152 11.02 2.04 10.13
C ALA B 152 12.08 2.65 11.04
N ASP B 153 11.64 3.07 12.23
CA ASP B 153 12.49 3.75 13.21
C ASP B 153 13.63 2.85 13.65
N GLY B 154 13.32 1.59 13.95
CA GLY B 154 14.33 0.62 14.36
C GLY B 154 14.24 0.22 15.82
N ARG B 155 13.71 1.10 16.66
CA ARG B 155 13.57 0.82 18.09
C ARG B 155 12.43 -0.17 18.39
N GLN B 156 11.49 -0.27 17.45
CA GLN B 156 10.39 -1.23 17.47
C GLN B 156 9.61 -1.22 18.80
N ASP B 157 9.30 -0.02 19.28
CA ASP B 157 8.70 0.19 20.58
C ASP B 157 8.07 1.58 20.52
N TRP B 158 7.17 1.85 21.46
CA TRP B 158 6.53 3.15 21.62
C TRP B 158 7.49 4.26 22.04
N TYR B 159 7.03 5.50 21.92
CA TYR B 159 7.71 6.61 22.55
C TYR B 159 7.07 6.86 23.91
N THR B 160 7.88 6.95 24.93
CA THR B 160 7.35 7.04 26.27
C THR B 160 7.88 8.28 26.88
N ASP B 161 7.14 8.85 27.80
CA ASP B 161 7.73 9.87 28.62
C ASP B 161 8.35 9.29 29.86
N GLU B 162 8.80 10.16 30.74
CA GLU B 162 9.68 9.73 31.80
C GLU B 162 9.06 8.78 32.77
N THR B 163 7.87 9.07 33.25
CA THR B 163 6.87 8.02 33.54
C THR B 163 6.31 7.36 32.27
N GLY B 164 6.23 6.02 32.26
CA GLY B 164 6.15 5.28 31.02
C GLY B 164 4.77 5.10 30.38
N ASN B 165 4.01 6.17 30.29
CA ASN B 165 2.94 6.30 29.33
C ASN B 165 3.37 6.11 27.90
N LYS B 166 2.61 5.33 27.15
CA LYS B 166 2.88 5.16 25.72
C LYS B 166 2.22 6.32 24.97
N LEU B 167 3.05 7.25 24.51
CA LEU B 167 2.59 8.54 24.00
C LEU B 167 2.02 8.41 22.59
N HIS B 168 2.81 7.75 21.72
CA HIS B 168 2.49 7.53 20.31
C HIS B 168 3.56 6.60 19.79
N TRP B 169 3.40 6.14 18.55
CA TRP B 169 4.38 5.30 17.92
C TRP B 169 5.30 6.15 17.04
N PRO B 170 6.62 6.02 17.22
CA PRO B 170 7.57 6.82 16.44
C PRO B 170 7.89 6.23 15.08
N VAL B 171 7.85 7.09 14.06
CA VAL B 171 8.30 6.74 12.71
C VAL B 171 9.49 7.61 12.36
N ASP B 172 10.52 6.97 11.82
CA ASP B 172 11.71 7.67 11.34
C ASP B 172 12.38 6.80 10.29
N ARG B 173 13.28 7.40 9.50
CA ARG B 173 14.01 6.76 8.39
CA ARG B 173 14.04 6.68 8.48
C ARG B 173 13.20 5.78 7.55
N TYR B 174 11.94 6.15 7.27
CA TYR B 174 11.01 5.33 6.48
C TYR B 174 11.54 4.90 5.11
N PHE B 175 12.20 5.80 4.40
CA PHE B 175 12.73 5.45 3.09
C PHE B 175 14.16 4.92 3.14
N ASN B 176 14.67 4.73 4.35
CA ASN B 176 15.97 4.07 4.53
C ASN B 176 15.80 2.56 4.63
N GLU B 177 16.00 1.90 3.51
CA GLU B 177 15.72 0.48 3.37
C GLU B 177 16.99 -0.31 3.55
N SER B 178 17.19 -0.77 4.78
CA SER B 178 18.42 -1.43 5.19
C SER B 178 18.09 -2.25 6.43
N MET B 179 19.13 -2.84 7.01
CA MET B 179 19.02 -3.68 8.19
C MET B 179 18.52 -2.88 9.40
N ARG B 180 17.75 -3.56 10.23
CA ARG B 180 17.39 -3.08 11.54
C ARG B 180 17.82 -4.18 12.53
N THR B 181 18.79 -3.86 13.37
CA THR B 181 19.31 -4.82 14.33
C THR B 181 18.79 -4.51 15.73
N SER B 182 18.32 -5.54 16.43
CA SER B 182 18.03 -5.40 17.86
C SER B 182 18.89 -6.37 18.68
N HIS B 183 19.26 -5.92 19.87
CA HIS B 183 20.19 -6.65 20.72
C HIS B 183 19.51 -7.14 21.99
N PHE B 184 19.85 -8.38 22.34
CA PHE B 184 19.43 -8.99 23.58
C PHE B 184 20.65 -9.73 24.10
N LEU B 185 20.60 -10.16 25.36
CA LEU B 185 21.68 -10.99 25.88
C LEU B 185 21.73 -12.26 25.06
N GLY B 186 22.90 -12.49 24.46
CA GLY B 186 23.13 -13.68 23.68
C GLY B 186 22.58 -13.75 22.27
N GLU B 187 21.84 -12.74 21.83
CA GLU B 187 21.34 -12.70 20.45
C GLU B 187 21.22 -11.33 19.78
N ASP B 188 21.67 -11.29 18.53
CA ASP B 188 21.35 -10.23 17.60
C ASP B 188 20.16 -10.69 16.77
N VAL B 189 19.17 -9.81 16.63
CA VAL B 189 18.06 -10.03 15.71
C VAL B 189 18.28 -9.14 14.49
N GLN B 190 18.23 -9.72 13.30
CA GLN B 190 18.42 -8.95 12.06
C GLN B 190 17.18 -8.95 11.18
N LYS B 191 16.58 -7.76 11.04
CA LYS B 191 15.42 -7.56 10.20
C LYS B 191 15.80 -6.61 9.08
N TYR B 192 15.03 -6.64 7.99
CA TYR B 192 15.25 -5.71 6.89
C TYR B 192 14.02 -4.84 6.70
N HIS B 193 14.21 -3.53 6.87
CA HIS B 193 13.10 -2.59 6.68
C HIS B 193 12.88 -2.31 5.21
N ARG B 194 11.65 -2.47 4.76
CA ARG B 194 11.21 -2.07 3.43
C ARG B 194 9.95 -1.22 3.52
N THR B 195 9.68 -0.39 2.52
CA THR B 195 8.48 0.44 2.50
C THR B 195 7.28 -0.38 2.02
N VAL B 196 6.08 0.20 2.13
CA VAL B 196 4.87 -0.39 1.51
C VAL B 196 5.01 -0.43 -0.02
N THR B 197 5.58 0.63 -0.59
CA THR B 197 5.91 0.71 -2.02
C THR B 197 6.72 -0.49 -2.48
N THR B 198 7.83 -0.77 -1.79
CA THR B 198 8.74 -1.87 -2.12
C THR B 198 8.05 -3.22 -2.20
N TYR B 199 7.29 -3.58 -1.17
CA TYR B 199 6.54 -4.84 -1.17
C TYR B 199 5.57 -4.93 -2.33
N ILE B 200 4.81 -3.85 -2.56
CA ILE B 200 3.80 -3.85 -3.63
C ILE B 200 4.42 -3.77 -5.03
N GLN B 201 5.37 -2.85 -5.24
CA GLN B 201 5.97 -2.66 -6.58
C GLN B 201 6.88 -3.78 -7.03
N THR B 202 7.47 -4.50 -6.08
CA THR B 202 8.32 -5.64 -6.39
C THR B 202 7.48 -6.82 -6.89
N LEU B 203 6.37 -7.09 -6.21
CA LEU B 203 5.38 -8.06 -6.66
C LEU B 203 4.90 -7.72 -8.08
N LEU B 204 4.51 -6.47 -8.28
CA LEU B 204 4.06 -5.97 -9.57
C LEU B 204 5.08 -6.11 -10.70
N LYS B 205 6.35 -5.77 -10.44
CA LYS B 205 7.38 -5.80 -11.49
C LYS B 205 7.85 -7.22 -11.84
N ASN B 206 7.59 -8.16 -10.94
CA ASN B 206 7.93 -9.56 -11.15
C ASN B 206 6.76 -10.39 -11.69
N GLY B 207 5.68 -9.73 -12.08
CA GLY B 207 4.55 -10.38 -12.75
C GLY B 207 3.43 -10.91 -11.86
N PHE B 208 3.26 -10.31 -10.68
CA PHE B 208 2.12 -10.66 -9.84
C PHE B 208 1.00 -9.63 -9.95
N GLN B 209 -0.22 -10.09 -9.73
CA GLN B 209 -1.39 -9.22 -9.62
C GLN B 209 -1.72 -9.12 -8.13
N ILE B 210 -1.97 -7.89 -7.66
CA ILE B 210 -2.36 -7.66 -6.28
C ILE B 210 -3.86 -7.99 -6.10
N ASN B 211 -4.18 -8.93 -5.22
CA ASN B 211 -5.58 -9.32 -4.94
C ASN B 211 -6.16 -8.74 -3.66
N SER B 212 -5.29 -8.48 -2.68
CA SER B 212 -5.69 -8.06 -1.35
C SER B 212 -4.48 -7.54 -0.58
N VAL B 213 -4.64 -6.36 0.04
CA VAL B 213 -3.64 -5.81 0.97
C VAL B 213 -4.34 -5.42 2.27
N ILE B 214 -3.99 -6.08 3.36
CA ILE B 214 -4.65 -5.91 4.66
C ILE B 214 -3.63 -5.57 5.74
N GLU B 215 -3.97 -4.58 6.58
CA GLU B 215 -3.24 -4.30 7.82
C GLU B 215 -4.19 -4.69 8.94
N PRO B 216 -3.96 -5.87 9.55
CA PRO B 216 -4.90 -6.36 10.55
C PRO B 216 -4.90 -5.62 11.89
N GLU B 217 -6.06 -5.59 12.50
CA GLU B 217 -6.26 -5.14 13.87
C GLU B 217 -6.60 -6.39 14.66
N PRO B 218 -6.28 -6.43 15.97
CA PRO B 218 -6.63 -7.63 16.74
C PRO B 218 -8.14 -7.72 17.05
N ALA B 219 -8.59 -8.90 17.45
CA ALA B 219 -10.00 -9.14 17.76
C ALA B 219 -10.37 -8.69 19.18
N PRO B 226 -5.22 -7.01 29.10
CA PRO B 226 -3.88 -7.27 28.58
C PRO B 226 -3.34 -6.09 27.77
N GLU B 227 -2.16 -6.28 27.16
CA GLU B 227 -1.59 -5.27 26.26
C GLU B 227 -1.85 -5.56 24.78
N MET B 228 -3.12 -5.73 24.45
CA MET B 228 -3.60 -5.66 23.08
C MET B 228 -4.35 -4.33 22.93
N GLN B 229 -4.49 -3.65 24.07
CA GLN B 229 -5.15 -2.34 24.22
C GLN B 229 -4.55 -1.25 23.33
N ASP B 230 -3.23 -1.26 23.20
CA ASP B 230 -2.52 -0.26 22.41
C ASP B 230 -2.31 -0.66 20.94
N GLU B 231 -2.74 -1.87 20.55
CA GLU B 231 -2.51 -2.38 19.18
C GLU B 231 -3.40 -1.77 18.10
N TYR B 232 -4.46 -1.07 18.55
CA TYR B 232 -5.39 -0.41 17.63
C TYR B 232 -4.85 0.94 17.17
N ARG B 233 -3.72 1.35 17.75
CA ARG B 233 -3.15 2.69 17.58
C ARG B 233 -2.16 2.79 16.42
N ARG B 234 -1.47 1.69 16.11
CA ARG B 234 -0.53 1.67 15.01
C ARG B 234 -0.54 0.29 14.34
N PRO B 235 -0.17 0.21 13.04
CA PRO B 235 -0.24 -1.10 12.41
C PRO B 235 0.99 -1.96 12.70
N MET B 236 0.77 -3.24 12.97
CA MET B 236 1.88 -4.09 13.35
C MET B 236 2.35 -4.97 12.20
N MET B 237 1.40 -5.36 11.36
CA MET B 237 1.65 -6.37 10.35
C MET B 237 1.07 -5.99 8.98
N LEU B 238 1.73 -6.44 7.92
CA LEU B 238 1.22 -6.23 6.58
C LEU B 238 1.00 -7.56 5.86
N LEU B 239 -0.23 -7.77 5.38
CA LEU B 239 -0.58 -9.00 4.67
C LEU B 239 -0.91 -8.70 3.22
N ILE B 240 -0.29 -9.44 2.31
CA ILE B 240 -0.54 -9.29 0.88
C ILE B 240 -0.87 -10.64 0.24
N SER B 241 -1.93 -10.66 -0.58
CA SER B 241 -2.24 -11.80 -1.44
C SER B 241 -2.04 -11.42 -2.90
N ALA B 242 -1.29 -12.24 -3.63
CA ALA B 242 -0.96 -11.97 -5.02
C ALA B 242 -1.10 -13.21 -5.89
N THR B 243 -1.43 -13.04 -7.16
CA THR B 243 -1.61 -14.15 -8.10
CA THR B 243 -1.55 -14.16 -8.08
C THR B 243 -0.61 -14.02 -9.26
N LYS B 244 -0.04 -15.14 -9.68
CA LYS B 244 0.86 -15.18 -10.84
C LYS B 244 0.12 -14.80 -12.12
N GLN B 245 0.72 -13.90 -12.88
CA GLN B 245 0.25 -13.54 -14.21
C GLN B 245 1.32 -13.88 -15.25
N GLU B 246 0.89 -14.41 -16.38
CA GLU B 246 1.83 -14.79 -17.46
C GLU B 246 1.59 -13.96 -18.72
CL CL C . -14.39 5.31 2.32
CL CL D . 14.11 -6.29 -2.02
#